data_5ADR
#
_entry.id   5ADR
#
_cell.length_a   65.570
_cell.length_b   65.570
_cell.length_c   121.920
_cell.angle_alpha   90.00
_cell.angle_beta   90.00
_cell.angle_gamma   90.00
#
_symmetry.space_group_name_H-M   'P 41 21 2'
#
loop_
_entity.id
_entity.type
_entity.pdbx_description
1 polymer TANKYRASE-2
2 polymer TANKYRASE-2
3 non-polymer 'SULFATE ION'
4 non-polymer 'N-(4-(((4-(4-methoxyphenyl)oxan-4- yl)methyl)carbamoyl)phenyl)-5-methylfuran-2-carboxamide'
5 non-polymer 'ZINC ION'
6 non-polymer 'BICARBONATE ION'
7 water water
#
loop_
_entity_poly.entity_id
_entity_poly.type
_entity_poly.pdbx_seq_one_letter_code
_entity_poly.pdbx_strand_id
1 'polypeptide(L)'
;MHHHHHHSSGVDLGTENLYFQSMLNTSGSGTILIDLSPDDKEFQSVEEEMQSTVREHRDGGHAGGIFNRYNILKIQKVCN
KKLWERYTHRRKEVSEENHNHANERMLFHGSPFVNAIIHKGFDERHAYIGGMFGAGIYFAENSSKSNQYVYGIGGGTGCP
VHKDRSCYICHRQLLFCRVTLGKSFLQFSAM
;
A
2 'polypeptide(L)' MAHSPPGHHSVTGRPSVNGLALAEYVIYRGEQAYPEYLITYQIMRPEG B
#
loop_
_chem_comp.id
_chem_comp.type
_chem_comp.name
_chem_comp.formula
BCT non-polymer 'BICARBONATE ION' 'C H O3 -1'
QS5 non-polymer 'N-(4-(((4-(4-methoxyphenyl)oxan-4- yl)methyl)carbamoyl)phenyl)-5-methylfuran-2-carboxamide' 'C26 H28 N2 O5'
SO4 non-polymer 'SULFATE ION' 'O4 S -2'
ZN non-polymer 'ZINC ION' 'Zn 2'
#
# COMPACT_ATOMS: atom_id res chain seq x y z
N GLY A 30 4.55 -0.50 -21.07
CA GLY A 30 5.41 0.66 -20.74
C GLY A 30 6.27 0.43 -19.51
N THR A 31 5.84 -0.47 -18.63
CA THR A 31 6.52 -0.65 -17.34
C THR A 31 7.73 -1.57 -17.44
N ILE A 32 8.87 -1.09 -16.96
CA ILE A 32 10.00 -1.97 -16.70
C ILE A 32 10.25 -2.09 -15.19
N LEU A 33 10.73 -3.26 -14.77
CA LEU A 33 11.03 -3.54 -13.37
C LEU A 33 12.53 -3.71 -13.25
N ILE A 34 13.18 -2.88 -12.43
CA ILE A 34 14.62 -2.91 -12.28
C ILE A 34 14.93 -3.54 -10.93
N ASP A 35 15.53 -4.74 -10.96
CA ASP A 35 15.90 -5.42 -9.73
C ASP A 35 16.97 -4.62 -8.98
N LEU A 36 16.77 -4.45 -7.69
CA LEU A 36 17.74 -3.79 -6.84
C LEU A 36 18.52 -4.85 -6.11
N SER A 37 19.78 -4.57 -5.83
CA SER A 37 20.67 -5.51 -5.19
C SER A 37 20.60 -5.23 -3.70
N PRO A 38 20.70 -6.27 -2.86
CA PRO A 38 20.63 -6.14 -1.40
C PRO A 38 21.58 -5.12 -0.78
N ASP A 39 22.72 -4.85 -1.40
CA ASP A 39 23.57 -3.80 -0.84
C ASP A 39 23.31 -2.40 -1.41
N ASP A 40 22.35 -2.27 -2.32
CA ASP A 40 21.87 -0.96 -2.70
C ASP A 40 21.20 -0.28 -1.47
N LYS A 41 21.53 1.00 -1.23
CA LYS A 41 21.04 1.73 -0.06
C LYS A 41 19.51 1.80 -0.14
N GLU A 42 19.02 1.84 -1.36
CA GLU A 42 17.62 1.96 -1.65
C GLU A 42 16.89 0.66 -1.34
N PHE A 43 17.52 -0.47 -1.61
CA PHE A 43 16.98 -1.75 -1.23
C PHE A 43 16.86 -1.79 0.30
N GLN A 44 17.90 -1.32 0.97
CA GLN A 44 17.98 -1.38 2.40
C GLN A 44 16.96 -0.47 3.06
N SER A 45 16.74 0.73 2.55
CA SER A 45 15.80 1.63 3.22
C SER A 45 14.36 1.21 2.97
N VAL A 46 14.08 0.67 1.79
CA VAL A 46 12.76 0.10 1.54
C VAL A 46 12.52 -1.11 2.45
N GLU A 47 13.47 -2.05 2.51
CA GLU A 47 13.28 -3.19 3.41
C GLU A 47 13.04 -2.73 4.86
N GLU A 48 13.77 -1.73 5.32
CA GLU A 48 13.67 -1.33 6.72
C GLU A 48 12.28 -0.77 7.02
N GLU A 49 11.73 0.00 6.07
CA GLU A 49 10.36 0.48 6.16
C GLU A 49 9.35 -0.69 6.20
N MET A 50 9.55 -1.72 5.38
CA MET A 50 8.72 -2.96 5.44
C MET A 50 8.78 -3.58 6.83
N GLN A 51 9.99 -3.85 7.25
CA GLN A 51 10.21 -4.60 8.47
C GLN A 51 9.76 -3.83 9.70
N SER A 52 10.03 -2.54 9.74
CA SER A 52 9.80 -1.78 10.93
C SER A 52 8.33 -1.36 11.15
N THR A 53 7.45 -1.60 10.18
CA THR A 53 6.07 -1.15 10.26
C THR A 53 5.12 -2.35 10.39
N VAL A 54 5.68 -3.49 10.75
CA VAL A 54 4.89 -4.67 11.11
C VAL A 54 4.30 -4.37 12.49
N ARG A 55 3.02 -4.67 12.67
CA ARG A 55 2.40 -4.69 14.00
C ARG A 55 1.56 -5.92 14.16
N GLU A 56 1.08 -6.13 15.38
CA GLU A 56 0.11 -7.21 15.65
C GLU A 56 -1.25 -6.75 15.19
N HIS A 57 -2.08 -7.69 14.79
CA HIS A 57 -3.41 -7.34 14.35
C HIS A 57 -4.46 -7.98 15.25
N ARG A 58 -5.56 -7.30 15.36
CA ARG A 58 -6.67 -7.76 16.22
C ARG A 58 -7.32 -9.09 15.84
N ASP A 59 -7.09 -9.57 14.62
CA ASP A 59 -7.59 -10.86 14.19
C ASP A 59 -6.64 -11.99 14.57
N GLY A 60 -5.60 -11.64 15.32
CA GLY A 60 -4.56 -12.59 15.72
C GLY A 60 -3.77 -13.22 14.60
N GLY A 61 -3.85 -12.68 13.37
CA GLY A 61 -3.16 -13.28 12.24
C GLY A 61 -4.09 -13.91 11.22
N HIS A 62 -5.39 -13.86 11.47
CA HIS A 62 -6.32 -14.62 10.64
C HIS A 62 -6.29 -14.24 9.18
N ALA A 63 -6.30 -12.94 8.88
CA ALA A 63 -6.26 -12.48 7.50
C ALA A 63 -4.88 -12.60 6.83
N GLY A 64 -3.85 -12.09 7.49
CA GLY A 64 -2.55 -11.88 6.88
C GLY A 64 -1.52 -12.90 7.33
N GLY A 65 -1.89 -13.67 8.35
CA GLY A 65 -1.03 -14.68 8.93
C GLY A 65 -0.25 -14.26 10.14
N ILE A 66 0.47 -15.19 10.71
CA ILE A 66 1.16 -14.94 11.97
C ILE A 66 2.65 -14.80 11.75
N PHE A 67 3.17 -13.62 12.06
CA PHE A 67 4.58 -13.34 11.86
C PHE A 67 4.94 -12.04 12.54
N ASN A 68 6.23 -11.86 12.77
CA ASN A 68 6.80 -10.60 13.31
C ASN A 68 7.72 -9.91 12.32
N ARG A 69 8.14 -10.61 11.28
CA ARG A 69 8.97 -10.00 10.22
C ARG A 69 8.84 -10.78 8.94
N TYR A 70 9.43 -10.25 7.87
CA TYR A 70 9.34 -10.83 6.55
C TYR A 70 10.69 -11.38 6.11
N ASN A 71 10.64 -12.26 5.15
CA ASN A 71 11.83 -12.59 4.42
C ASN A 71 11.69 -11.86 3.09
N ILE A 72 12.43 -10.77 2.91
CA ILE A 72 12.36 -10.04 1.63
C ILE A 72 13.13 -10.80 0.56
N LEU A 73 12.49 -11.10 -0.55
CA LEU A 73 13.09 -11.91 -1.60
C LEU A 73 13.59 -11.08 -2.79
N LYS A 74 12.85 -10.02 -3.13
CA LYS A 74 13.22 -9.20 -4.25
C LYS A 74 12.62 -7.81 -4.08
N ILE A 75 13.38 -6.78 -4.45
CA ILE A 75 12.83 -5.45 -4.58
C ILE A 75 13.14 -4.91 -5.96
N GLN A 76 12.10 -4.52 -6.68
CA GLN A 76 12.24 -3.97 -7.99
C GLN A 76 11.71 -2.54 -8.03
N LYS A 77 12.49 -1.65 -8.63
CA LYS A 77 12.02 -0.30 -8.95
C LYS A 77 11.08 -0.44 -10.14
N VAL A 78 9.95 0.27 -10.09
CA VAL A 78 8.97 0.22 -11.16
C VAL A 78 9.13 1.47 -12.00
N CYS A 79 9.38 1.33 -13.29
CA CYS A 79 9.66 2.49 -14.09
C CYS A 79 8.72 2.50 -15.26
N ASN A 80 7.86 3.52 -15.27
CA ASN A 80 6.92 3.75 -16.33
C ASN A 80 6.80 5.28 -16.53
N LYS A 81 7.42 5.75 -17.62
CA LYS A 81 7.51 7.16 -17.93
C LYS A 81 6.16 7.81 -17.90
N LYS A 82 5.18 7.15 -18.52
CA LYS A 82 3.82 7.68 -18.62
C LYS A 82 3.08 7.76 -17.29
N LEU A 83 3.21 6.72 -16.45
CA LEU A 83 2.56 6.74 -15.15
C LEU A 83 3.21 7.78 -14.25
N TRP A 84 4.51 7.95 -14.40
CA TRP A 84 5.24 8.96 -13.66
C TRP A 84 4.76 10.37 -14.04
N GLU A 85 4.64 10.63 -15.35
CA GLU A 85 4.19 11.97 -15.79
C GLU A 85 2.74 12.30 -15.39
N ARG A 86 1.89 11.29 -15.45
CA ARG A 86 0.50 11.36 -14.98
C ARG A 86 0.44 11.69 -13.48
N TYR A 87 1.32 11.03 -12.70
CA TYR A 87 1.45 11.31 -11.29
C TYR A 87 1.91 12.73 -10.97
N THR A 88 3.04 13.15 -11.56
CA THR A 88 3.59 14.45 -11.25
C THR A 88 2.68 15.58 -11.73
N HIS A 89 1.98 15.37 -12.84
CA HIS A 89 1.06 16.38 -13.34
C HIS A 89 -0.04 16.62 -12.31
N ARG A 90 -0.62 15.55 -11.82
CA ARG A 90 -1.61 15.62 -10.76
C ARG A 90 -1.03 16.16 -9.46
N ARG A 91 0.13 15.67 -9.06
CA ARG A 91 0.80 16.17 -7.85
C ARG A 91 0.85 17.73 -7.88
N LYS A 92 1.20 18.29 -9.04
CA LYS A 92 1.29 19.72 -9.21
C LYS A 92 -0.07 20.42 -9.08
N GLU A 93 -1.13 19.83 -9.63
CA GLU A 93 -2.47 20.39 -9.45
C GLU A 93 -2.84 20.43 -7.98
N VAL A 94 -2.61 19.30 -7.28
CA VAL A 94 -3.02 19.21 -5.91
C VAL A 94 -2.25 20.22 -5.06
N SER A 95 -0.97 20.31 -5.31
CA SER A 95 -0.07 21.22 -4.60
C SER A 95 -0.56 22.68 -4.70
N GLU A 96 -0.92 23.08 -5.91
CA GLU A 96 -1.44 24.42 -6.14
C GLU A 96 -2.76 24.72 -5.42
N GLU A 97 -3.52 23.67 -5.13
CA GLU A 97 -4.76 23.77 -4.36
C GLU A 97 -4.56 23.72 -2.85
N ASN A 98 -3.31 23.65 -2.38
CA ASN A 98 -3.03 23.35 -1.01
C ASN A 98 -1.72 23.99 -0.57
N HIS A 99 -1.67 25.30 -0.77
CA HIS A 99 -0.53 26.16 -0.43
C HIS A 99 0.82 25.52 -0.77
N ASN A 100 0.92 25.01 -2.01
CA ASN A 100 2.16 24.45 -2.53
C ASN A 100 2.66 23.26 -1.72
N HIS A 101 1.71 22.47 -1.23
CA HIS A 101 2.01 21.33 -0.40
C HIS A 101 1.26 20.12 -0.95
N ALA A 102 1.97 19.27 -1.69
CA ALA A 102 1.44 18.01 -2.17
C ALA A 102 1.08 17.05 -1.02
N ASN A 103 1.78 17.16 0.10
CA ASN A 103 1.60 16.20 1.19
C ASN A 103 1.87 14.76 0.64
N GLU A 104 3.04 14.64 0.03
CA GLU A 104 3.49 13.40 -0.56
C GLU A 104 4.00 12.39 0.48
N ARG A 105 3.40 11.20 0.54
CA ARG A 105 3.92 10.16 1.43
C ARG A 105 4.44 8.95 0.64
N MET A 106 5.17 8.08 1.33
CA MET A 106 5.47 6.75 0.81
C MET A 106 4.70 5.75 1.63
N LEU A 107 3.83 4.98 0.99
CA LEU A 107 2.90 4.11 1.70
C LEU A 107 2.78 2.75 1.05
N PHE A 108 2.45 1.72 1.84
CA PHE A 108 2.24 0.41 1.30
C PHE A 108 0.85 0.23 0.68
N HIS A 109 0.79 -0.54 -0.41
CA HIS A 109 -0.45 -1.08 -0.95
C HIS A 109 -0.35 -2.59 -1.16
N GLY A 110 -1.27 -3.32 -0.56
CA GLY A 110 -1.41 -4.74 -0.81
C GLY A 110 -2.79 -5.09 -1.31
N SER A 111 -2.86 -5.85 -2.38
CA SER A 111 -4.14 -6.38 -2.91
C SER A 111 -3.81 -7.35 -4.03
N PRO A 112 -4.82 -8.14 -4.49
CA PRO A 112 -4.61 -8.95 -5.68
C PRO A 112 -4.46 -8.13 -6.96
N PHE A 113 -4.72 -6.81 -6.94
CA PHE A 113 -4.55 -6.02 -8.17
C PHE A 113 -3.11 -5.58 -8.51
N VAL A 114 -2.13 -6.00 -7.71
CA VAL A 114 -0.77 -5.48 -7.81
C VAL A 114 -0.15 -5.67 -9.20
N ASN A 115 -0.32 -6.86 -9.79
CA ASN A 115 0.23 -7.09 -11.13
C ASN A 115 -0.41 -6.18 -12.19
N ALA A 116 -1.71 -5.91 -12.10
CA ALA A 116 -2.35 -5.00 -13.04
C ALA A 116 -1.86 -3.56 -12.82
N ILE A 117 -1.75 -3.18 -11.56
CA ILE A 117 -1.37 -1.83 -11.18
C ILE A 117 0.01 -1.45 -11.68
N ILE A 118 0.94 -2.38 -11.62
CA ILE A 118 2.29 -2.01 -12.12
C ILE A 118 2.30 -1.75 -13.62
N HIS A 119 1.32 -2.29 -14.34
CA HIS A 119 1.21 -2.17 -15.78
C HIS A 119 0.31 -1.04 -16.23
N LYS A 120 -0.80 -0.88 -15.54
CA LYS A 120 -1.78 0.12 -15.95
C LYS A 120 -1.73 1.35 -15.04
N GLY A 121 -1.00 1.28 -13.93
CA GLY A 121 -1.17 2.27 -12.87
C GLY A 121 -2.42 2.00 -12.07
N PHE A 122 -2.57 2.73 -10.98
CA PHE A 122 -3.77 2.59 -10.17
C PHE A 122 -4.99 3.12 -10.96
N ASP A 123 -6.14 2.50 -10.76
CA ASP A 123 -7.36 2.89 -11.48
C ASP A 123 -8.52 2.82 -10.50
N GLU A 124 -9.03 3.99 -10.11
CA GLU A 124 -10.11 4.05 -9.13
C GLU A 124 -11.38 3.35 -9.57
N ARG A 125 -11.59 3.22 -10.88
CA ARG A 125 -12.79 2.50 -11.40
C ARG A 125 -12.81 1.04 -10.95
N HIS A 126 -11.64 0.43 -10.74
CA HIS A 126 -11.58 -0.93 -10.19
C HIS A 126 -11.62 -0.99 -8.68
N ALA A 127 -11.61 0.17 -8.03
CA ALA A 127 -11.57 0.29 -6.59
C ALA A 127 -12.94 0.74 -6.07
N TYR A 128 -13.92 -0.15 -6.21
CA TYR A 128 -15.31 0.21 -5.99
C TYR A 128 -15.90 -0.44 -4.73
N ILE A 129 -15.12 -1.28 -4.04
CA ILE A 129 -15.61 -1.95 -2.85
C ILE A 129 -15.42 -1.04 -1.66
N GLY A 130 -16.44 -0.96 -0.80
CA GLY A 130 -16.41 -0.03 0.30
C GLY A 130 -15.71 -0.66 1.46
N GLY A 131 -14.67 0.00 1.97
CA GLY A 131 -14.02 -0.47 3.16
C GLY A 131 -14.40 0.33 4.37
N MET A 132 -13.55 0.30 5.37
CA MET A 132 -13.66 1.19 6.49
C MET A 132 -13.85 2.65 6.11
N PHE A 133 -13.29 3.07 4.98
CA PHE A 133 -13.27 4.48 4.58
C PHE A 133 -13.87 4.71 3.21
N GLY A 134 -14.75 3.79 2.83
CA GLY A 134 -15.50 3.92 1.61
C GLY A 134 -14.77 3.29 0.45
N ALA A 135 -15.28 3.53 -0.75
CA ALA A 135 -14.67 3.04 -1.95
C ALA A 135 -13.46 3.92 -2.26
N GLY A 136 -12.42 3.29 -2.74
CA GLY A 136 -11.26 4.03 -3.17
C GLY A 136 -10.07 3.12 -3.11
N ILE A 137 -8.95 3.73 -3.35
CA ILE A 137 -7.70 3.06 -3.42
C ILE A 137 -7.07 3.25 -2.05
N TYR A 138 -6.85 2.14 -1.35
CA TYR A 138 -6.30 2.12 0.00
C TYR A 138 -4.77 1.93 0.08
N PHE A 139 -4.19 2.61 1.05
CA PHE A 139 -2.78 2.49 1.37
C PHE A 139 -2.61 2.40 2.87
N ALA A 140 -1.49 1.82 3.31
CA ALA A 140 -1.23 1.69 4.75
C ALA A 140 0.16 2.12 5.16
N GLU A 141 0.27 2.63 6.39
CA GLU A 141 1.58 2.91 7.00
C GLU A 141 2.15 1.62 7.54
N ASN A 142 1.28 0.76 8.06
CA ASN A 142 1.70 -0.57 8.49
C ASN A 142 1.77 -1.52 7.28
N SER A 143 3.00 -1.98 6.95
CA SER A 143 3.17 -2.98 5.92
C SER A 143 2.26 -4.16 6.25
N SER A 144 2.18 -4.52 7.53
CA SER A 144 1.43 -5.71 7.94
C SER A 144 -0.09 -5.59 7.68
N LYS A 145 -0.57 -4.35 7.67
CA LYS A 145 -1.96 -4.08 7.30
C LYS A 145 -2.16 -4.35 5.80
N SER A 146 -1.30 -3.79 4.95
CA SER A 146 -1.33 -4.10 3.53
C SER A 146 -1.21 -5.61 3.27
N ASN A 147 -0.36 -6.30 4.01
CA ASN A 147 -0.24 -7.74 3.90
C ASN A 147 -1.55 -8.52 4.11
N GLN A 148 -2.44 -8.02 4.95
CA GLN A 148 -3.75 -8.66 5.14
C GLN A 148 -4.60 -8.80 3.86
N TYR A 149 -4.37 -7.93 2.88
CA TYR A 149 -5.16 -7.88 1.68
C TYR A 149 -4.58 -8.47 0.44
N VAL A 150 -3.33 -8.94 0.47
CA VAL A 150 -2.67 -9.38 -0.77
C VAL A 150 -3.50 -10.49 -1.46
N TYR A 151 -4.06 -11.39 -0.67
CA TYR A 151 -4.90 -12.48 -1.19
C TYR A 151 -6.40 -12.17 -1.21
N GLY A 152 -6.76 -10.92 -1.00
CA GLY A 152 -8.15 -10.47 -1.06
C GLY A 152 -8.61 -9.88 0.26
N ILE A 153 -9.89 -9.55 0.31
CA ILE A 153 -10.49 -8.98 1.50
C ILE A 153 -10.46 -10.00 2.61
N GLY A 154 -9.99 -9.61 3.79
CA GLY A 154 -9.87 -10.53 4.90
C GLY A 154 -8.83 -11.64 4.67
N GLY A 155 -7.94 -11.44 3.68
CA GLY A 155 -7.05 -12.52 3.22
C GLY A 155 -7.63 -13.51 2.24
N GLY A 156 -8.88 -13.32 1.83
CA GLY A 156 -9.55 -14.23 0.92
C GLY A 156 -9.45 -15.66 1.43
N THR A 157 -9.08 -16.58 0.54
CA THR A 157 -8.84 -17.99 0.92
C THR A 157 -7.34 -18.25 1.10
N GLY A 158 -6.55 -17.19 1.25
CA GLY A 158 -5.10 -17.38 1.42
C GLY A 158 -4.40 -17.68 0.09
N CYS A 159 -3.26 -18.36 0.16
CA CYS A 159 -2.43 -18.52 -1.00
C CYS A 159 -3.10 -19.42 -2.07
N PRO A 160 -2.81 -19.18 -3.36
CA PRO A 160 -3.40 -20.01 -4.43
C PRO A 160 -3.04 -21.48 -4.29
N VAL A 161 -1.80 -21.74 -3.89
CA VAL A 161 -1.27 -23.10 -3.87
C VAL A 161 -1.80 -23.92 -2.68
N HIS A 162 -1.80 -23.32 -1.48
CA HIS A 162 -2.15 -24.08 -0.26
C HIS A 162 -3.44 -23.63 0.42
N LYS A 163 -4.06 -22.57 -0.07
CA LYS A 163 -5.27 -22.01 0.55
C LYS A 163 -5.04 -21.67 2.00
N ASP A 164 -3.87 -21.11 2.28
CA ASP A 164 -3.44 -20.90 3.64
C ASP A 164 -3.11 -19.43 3.73
N ARG A 165 -3.89 -18.71 4.52
CA ARG A 165 -3.72 -17.26 4.70
C ARG A 165 -2.42 -16.93 5.46
N SER A 166 -1.89 -17.92 6.18
CA SER A 166 -0.63 -17.79 6.92
C SER A 166 0.47 -18.56 6.18
N CYS A 167 0.36 -18.74 4.85
CA CYS A 167 1.36 -19.53 4.15
C CYS A 167 2.74 -18.88 4.32
N TYR A 168 3.71 -19.68 4.75
CA TYR A 168 5.10 -19.25 4.92
C TYR A 168 5.96 -19.63 3.70
N ILE A 169 5.37 -20.31 2.72
CA ILE A 169 6.08 -20.78 1.54
C ILE A 169 5.85 -19.85 0.35
N CYS A 170 4.61 -19.47 0.11
CA CYS A 170 4.27 -18.78 -1.11
C CYS A 170 4.68 -17.33 -1.04
N HIS A 171 5.07 -16.83 -2.21
CA HIS A 171 5.60 -15.51 -2.36
C HIS A 171 4.47 -14.53 -2.38
N ARG A 172 4.67 -13.42 -1.69
CA ARG A 172 3.71 -12.35 -1.68
C ARG A 172 4.33 -11.12 -2.30
N GLN A 173 3.48 -10.23 -2.74
CA GLN A 173 3.93 -8.95 -3.25
C GLN A 173 3.14 -7.79 -2.69
N LEU A 174 3.89 -6.78 -2.25
CA LEU A 174 3.34 -5.45 -1.90
C LEU A 174 3.93 -4.41 -2.80
N LEU A 175 3.25 -3.27 -2.89
CA LEU A 175 3.82 -2.06 -3.53
C LEU A 175 4.09 -1.03 -2.48
N PHE A 176 5.22 -0.35 -2.64
CA PHE A 176 5.58 0.80 -1.78
C PHE A 176 5.51 2.00 -2.72
N CYS A 177 4.51 2.84 -2.46
CA CYS A 177 4.04 3.80 -3.41
C CYS A 177 4.25 5.21 -2.92
N ARG A 178 4.45 6.12 -3.87
CA ARG A 178 4.50 7.52 -3.63
C ARG A 178 3.05 8.02 -3.85
N VAL A 179 2.47 8.58 -2.79
CA VAL A 179 1.05 8.92 -2.74
C VAL A 179 0.88 10.41 -2.40
N THR A 180 0.18 11.17 -3.27
CA THR A 180 -0.17 12.58 -3.01
C THR A 180 -1.46 12.66 -2.15
N LEU A 181 -1.34 13.14 -0.92
CA LEU A 181 -2.50 13.24 -0.06
C LEU A 181 -3.23 14.58 -0.18
N GLY A 182 -2.52 15.63 -0.58
CA GLY A 182 -3.08 16.99 -0.58
C GLY A 182 -3.67 17.31 0.79
N LYS A 183 -4.78 18.05 0.81
CA LYS A 183 -5.55 18.28 2.02
C LYS A 183 -6.32 17.00 2.33
N SER A 184 -5.94 16.29 3.39
CA SER A 184 -6.48 14.96 3.64
C SER A 184 -7.59 15.07 4.68
N PHE A 185 -8.73 14.50 4.37
CA PHE A 185 -9.83 14.55 5.31
C PHE A 185 -9.54 13.61 6.45
N LEU A 186 -9.56 14.15 7.66
CA LEU A 186 -9.25 13.35 8.84
C LEU A 186 -10.47 12.60 9.36
N GLN A 187 -10.40 11.28 9.27
CA GLN A 187 -11.44 10.37 9.66
C GLN A 187 -10.91 9.52 10.81
N PHE A 188 -11.41 9.80 12.01
CA PHE A 188 -11.07 8.97 13.12
C PHE A 188 -11.89 7.71 13.00
N SER A 189 -11.25 6.60 13.29
CA SER A 189 -11.86 5.30 13.07
C SER A 189 -12.07 4.75 14.44
N ALA A 190 -13.02 3.83 14.58
CA ALA A 190 -13.25 3.17 15.87
C ALA A 190 -12.18 2.08 16.15
N MET A 191 -11.34 1.80 15.15
CA MET A 191 -10.18 0.89 15.30
C MET A 191 -9.08 1.55 16.13
N ALA B 2 -17.55 7.09 -5.86
CA ALA B 2 -16.81 7.55 -4.64
C ALA B 2 -15.77 8.58 -5.01
N HIS B 3 -15.62 9.56 -4.12
CA HIS B 3 -14.91 10.78 -4.41
C HIS B 3 -14.41 11.32 -3.09
N SER B 4 -13.42 12.20 -3.14
CA SER B 4 -12.91 12.85 -1.91
C SER B 4 -14.01 13.72 -1.30
N PRO B 5 -14.06 13.79 0.05
CA PRO B 5 -14.97 14.79 0.61
C PRO B 5 -14.67 16.18 0.01
N PRO B 6 -15.72 17.01 -0.22
CA PRO B 6 -15.43 18.27 -0.94
C PRO B 6 -14.34 19.12 -0.23
N GLY B 7 -13.46 19.70 -1.01
CA GLY B 7 -12.35 20.46 -0.47
C GLY B 7 -11.23 19.61 0.14
N HIS B 8 -11.21 18.30 -0.12
CA HIS B 8 -10.07 17.45 0.28
C HIS B 8 -9.59 16.63 -0.90
N HIS B 9 -8.36 16.13 -0.84
CA HIS B 9 -7.81 15.34 -1.95
C HIS B 9 -7.65 13.86 -1.61
N SER B 10 -8.06 13.49 -0.39
CA SER B 10 -7.81 12.17 0.14
C SER B 10 -8.46 12.07 1.49
N VAL B 11 -8.42 10.87 2.05
CA VAL B 11 -8.95 10.63 3.38
C VAL B 11 -7.90 9.91 4.18
N THR B 12 -7.78 10.28 5.45
CA THR B 12 -6.85 9.67 6.37
C THR B 12 -7.66 8.96 7.42
N GLY B 13 -7.42 7.67 7.56
CA GLY B 13 -8.17 6.80 8.41
C GLY B 13 -7.31 6.50 9.59
N ARG B 14 -7.59 7.19 10.70
CA ARG B 14 -6.67 7.26 11.79
C ARG B 14 -7.26 6.50 12.97
N PRO B 15 -6.59 5.43 13.42
CA PRO B 15 -7.17 4.64 14.52
C PRO B 15 -7.26 5.46 15.78
N SER B 16 -8.43 5.49 16.41
CA SER B 16 -8.63 6.30 17.63
C SER B 16 -8.50 5.45 18.91
N VAL B 17 -8.62 4.13 18.77
CA VAL B 17 -8.63 3.21 19.91
C VAL B 17 -7.28 2.51 20.13
N ASN B 18 -6.88 1.66 19.19
CA ASN B 18 -5.54 1.04 19.24
C ASN B 18 -4.43 2.07 19.04
N GLY B 19 -3.66 2.35 20.08
CA GLY B 19 -2.62 3.37 20.02
C GLY B 19 -1.42 2.98 19.17
N LEU B 20 -1.18 1.68 19.01
CA LEU B 20 -0.04 1.20 18.21
C LEU B 20 -0.30 1.08 16.71
N ALA B 21 -1.55 1.27 16.29
CA ALA B 21 -1.89 1.09 14.89
C ALA B 21 -1.60 2.39 14.20
N LEU B 22 -0.97 2.33 13.02
CA LEU B 22 -0.67 3.53 12.23
C LEU B 22 -1.82 3.77 11.27
N ALA B 23 -1.71 4.83 10.46
CA ALA B 23 -2.83 5.29 9.65
C ALA B 23 -2.96 4.53 8.35
N GLU B 24 -4.18 4.50 7.82
CA GLU B 24 -4.46 4.10 6.46
C GLU B 24 -4.98 5.32 5.72
N TYR B 25 -4.88 5.32 4.41
CA TYR B 25 -5.28 6.44 3.60
C TYR B 25 -6.00 5.96 2.35
N VAL B 26 -6.88 6.81 1.83
CA VAL B 26 -7.60 6.49 0.61
C VAL B 26 -7.52 7.65 -0.33
N ILE B 27 -7.30 7.33 -1.60
CA ILE B 27 -7.42 8.30 -2.65
C ILE B 27 -8.43 7.77 -3.64
N TYR B 28 -8.92 8.70 -4.48
CA TYR B 28 -10.05 8.50 -5.40
C TYR B 28 -9.63 8.74 -6.81
N ARG B 29 -8.33 8.98 -7.03
CA ARG B 29 -7.83 9.18 -8.36
C ARG B 29 -6.52 8.44 -8.51
N GLY B 30 -6.50 7.48 -9.45
CA GLY B 30 -5.32 6.73 -9.81
C GLY B 30 -4.03 7.51 -10.01
N GLU B 31 -4.13 8.69 -10.59
CA GLU B 31 -2.97 9.56 -10.83
C GLU B 31 -2.36 10.12 -9.55
N GLN B 32 -3.07 10.04 -8.41
CA GLN B 32 -2.50 10.52 -7.16
C GLN B 32 -1.56 9.54 -6.45
N ALA B 33 -1.24 8.41 -7.10
CA ALA B 33 -0.28 7.47 -6.57
C ALA B 33 0.61 6.95 -7.68
N TYR B 34 1.84 6.66 -7.34
CA TYR B 34 2.77 6.03 -8.26
C TYR B 34 3.34 4.78 -7.55
N PRO B 35 3.16 3.59 -8.15
CA PRO B 35 3.67 2.34 -7.57
C PRO B 35 5.15 2.23 -7.81
N GLU B 36 5.96 2.59 -6.81
CA GLU B 36 7.37 2.84 -7.06
C GLU B 36 8.25 1.64 -6.84
N TYR B 37 7.90 0.81 -5.88
CA TYR B 37 8.64 -0.41 -5.61
C TYR B 37 7.71 -1.59 -5.52
N LEU B 38 8.10 -2.67 -6.19
CA LEU B 38 7.45 -3.96 -6.03
C LEU B 38 8.29 -4.81 -5.13
N ILE B 39 7.72 -5.18 -3.98
CA ILE B 39 8.41 -5.97 -2.97
C ILE B 39 7.80 -7.39 -2.97
N THR B 40 8.65 -8.39 -3.19
CA THR B 40 8.28 -9.81 -3.16
C THR B 40 8.88 -10.38 -1.91
N TYR B 41 8.09 -11.12 -1.14
CA TYR B 41 8.50 -11.51 0.20
C TYR B 41 7.73 -12.71 0.68
N GLN B 42 8.24 -13.31 1.75
CA GLN B 42 7.46 -14.30 2.50
C GLN B 42 7.28 -13.74 3.87
N ILE B 43 6.18 -14.08 4.50
CA ILE B 43 6.06 -13.83 5.93
C ILE B 43 6.84 -14.95 6.56
N MET B 44 7.36 -14.72 7.76
CA MET B 44 8.21 -15.67 8.44
C MET B 44 7.57 -16.19 9.73
N ARG B 45 7.54 -17.52 9.84
CA ARG B 45 7.05 -18.18 11.04
C ARG B 45 7.90 -17.73 12.23
N PRO B 46 7.25 -17.21 13.29
CA PRO B 46 8.02 -16.86 14.50
C PRO B 46 8.73 -18.06 15.15
N GLU B 47 9.88 -17.83 15.77
CA GLU B 47 10.68 -18.90 16.40
C GLU B 47 9.95 -19.64 17.54
S SO4 C . -6.45 -4.50 12.87
O1 SO4 C . -7.82 -4.97 12.97
O2 SO4 C . -5.61 -4.82 14.04
O3 SO4 C . -6.35 -3.07 12.78
O4 SO4 C . -5.99 -5.04 11.60
CAY QS5 D . -7.35 -4.10 -12.89
CAX QS5 D . -6.89 -2.82 -12.16
OAZ QS5 D . -7.16 -2.59 -10.89
CAW QS5 D . -6.17 -1.79 -12.66
CAV QS5 D . -6.01 -0.90 -11.66
CAU QS5 D . -6.63 -1.37 -10.59
CAS QS5 D . -6.71 -0.84 -9.35
OAT QS5 D . -6.04 0.14 -9.05
NAR QS5 D . -7.49 -1.57 -8.52
CAQ QS5 D . -7.62 -1.40 -7.20
CBA QS5 D . -6.83 -0.55 -6.42
CBB QS5 D . -7.01 -0.49 -5.05
CAP QS5 D . -8.56 -2.17 -6.55
CAO QS5 D . -8.73 -2.12 -5.18
CAN QS5 D . -7.98 -1.25 -4.39
CAL QS5 D . -8.06 -1.17 -2.97
OAM QS5 D . -7.18 -0.63 -2.31
NAK QS5 D . -9.00 -1.89 -2.37
CAJ QS5 D . -8.97 -1.92 -0.93
CAI QS5 D . -9.90 -3.02 -0.37
CBC QS5 D . -11.35 -2.56 -0.54
CBD QS5 D . -11.78 -1.81 0.67
OBE QS5 D . -11.75 -2.72 1.80
CBF QS5 D . -10.40 -2.73 2.23
CBG QS5 D . -9.51 -3.26 1.14
CAF QS5 D . -9.69 -4.29 -1.06
CAE QS5 D . -8.60 -5.13 -0.77
CAD QS5 D . -8.41 -6.35 -1.43
CAC QS5 D . -9.31 -6.80 -2.40
OAB QS5 D . -9.09 -8.02 -2.99
CAA QS5 D . -10.07 -8.50 -3.92
CAH QS5 D . -10.38 -5.98 -2.72
CAG QS5 D . -10.57 -4.77 -2.05
ZN ZN E . 1.05 -21.31 -0.09
C BCT F . -3.94 -1.65 1.62
O1 BCT F . -2.79 -1.68 1.25
O2 BCT F . -4.17 -1.20 2.76
O3 BCT F . -4.90 -2.12 0.81
S SO4 G . 10.68 -14.01 15.09
O1 SO4 G . 9.52 -13.37 15.75
O2 SO4 G . 10.94 -15.30 15.77
O3 SO4 G . 11.82 -13.07 15.17
O4 SO4 G . 10.40 -14.29 13.66
#